data_1KYH
#
_entry.id   1KYH
#
_cell.length_a   91.900
_cell.length_b   91.900
_cell.length_c   170.506
_cell.angle_alpha   90.00
_cell.angle_beta   90.00
_cell.angle_gamma   90.00
#
_symmetry.space_group_name_H-M   'I 4 2 2'
#
loop_
_entity.id
_entity.type
_entity.pdbx_description
1 polymer 'Hypothetical 29.9 kDa protein in SIGY-CYDD intergenic region'
2 water water
#
_entity_poly.entity_id   1
_entity_poly.type   'polypeptide(L)'
_entity_poly.pdbx_seq_one_letter_code
;(MSE)NVPFWTEEHVRATLPERDAESHKGTYGTALLLAGSDD(MSE)PGAALLAGLGA(MSE)RSGLGKLVIGTSENVIP
LIVPVLPEATYWRDGWKKAADAQLEETYRAIAIGPGLPQTESVQQAVDHVLTADCPVILDAGALAKRTYPKREGPVILTP
HPGEFFR(MSE)TGVPVNELQKKRAEYAKEWAAQLQTVIVLKGNQTVIAFPDGDCWLNPTGNGALAKGGTGDTLTG
(MSE)ILG(MSE)LCCHEDPKHAVLNAVYLHGACAELWTDEHSAHTLLAHELSDILPRVWKRFE
;
_entity_poly.pdbx_strand_id   A
#
# COMPACT_ATOMS: atom_id res chain seq x y z
N ASN A 2 -11.34 -11.18 21.04
CA ASN A 2 -11.51 -10.19 19.93
C ASN A 2 -10.55 -10.46 18.78
N VAL A 3 -10.24 -9.41 18.03
CA VAL A 3 -9.34 -9.52 16.88
C VAL A 3 -7.90 -9.76 17.34
N PRO A 4 -7.28 -10.83 16.85
CA PRO A 4 -5.90 -11.14 17.24
C PRO A 4 -4.88 -10.20 16.59
N PHE A 5 -3.74 -10.04 17.25
CA PHE A 5 -2.66 -9.21 16.72
C PHE A 5 -1.77 -10.04 15.82
N TRP A 6 -1.25 -9.43 14.76
CA TRP A 6 -0.31 -10.13 13.88
C TRP A 6 0.98 -9.85 14.64
N THR A 7 1.47 -10.86 15.36
CA THR A 7 2.65 -10.71 16.18
C THR A 7 3.99 -10.98 15.53
N GLU A 8 5.04 -10.61 16.25
CA GLU A 8 6.41 -10.83 15.78
C GLU A 8 6.58 -12.30 15.43
N GLU A 9 5.93 -13.17 16.20
CA GLU A 9 5.99 -14.61 15.97
C GLU A 9 5.49 -14.94 14.56
N HIS A 10 4.38 -14.31 14.18
CA HIS A 10 3.78 -14.52 12.87
C HIS A 10 4.69 -13.96 11.76
N VAL A 11 5.23 -12.78 12.00
CA VAL A 11 6.12 -12.14 11.03
C VAL A 11 7.34 -13.02 10.77
N ARG A 12 8.03 -13.43 11.82
CA ARG A 12 9.22 -14.27 11.68
C ARG A 12 8.96 -15.56 10.92
N ALA A 13 7.80 -16.16 11.15
CA ALA A 13 7.45 -17.42 10.50
C ALA A 13 6.97 -17.28 9.06
N THR A 14 6.65 -16.06 8.63
CA THR A 14 6.14 -15.87 7.28
C THR A 14 7.02 -15.06 6.33
N LEU A 15 7.97 -14.30 6.87
CA LEU A 15 8.86 -13.51 6.01
C LEU A 15 9.64 -14.44 5.11
N PRO A 16 9.84 -14.05 3.84
CA PRO A 16 10.58 -14.88 2.90
C PRO A 16 12.09 -14.78 3.05
N GLU A 17 12.76 -15.88 2.73
CA GLU A 17 14.22 -15.94 2.77
C GLU A 17 14.65 -15.69 1.33
N ARG A 18 15.44 -14.64 1.10
CA ARG A 18 15.87 -14.34 -0.27
C ARG A 18 16.93 -15.34 -0.74
N THR A 26 12.71 -15.50 -10.28
CA THR A 26 13.00 -14.04 -10.05
C THR A 26 12.02 -13.49 -9.03
N TYR A 27 12.29 -12.28 -8.53
CA TYR A 27 11.42 -11.67 -7.53
C TYR A 27 10.30 -10.79 -8.05
N GLY A 28 9.97 -10.97 -9.32
CA GLY A 28 8.86 -10.23 -9.90
C GLY A 28 9.02 -8.74 -10.16
N THR A 29 8.28 -8.29 -11.16
CA THR A 29 8.26 -6.90 -11.57
C THR A 29 6.94 -6.31 -11.11
N ALA A 30 7.03 -5.19 -10.42
CA ALA A 30 5.84 -4.51 -9.92
C ALA A 30 5.58 -3.25 -10.73
N LEU A 31 4.32 -2.84 -10.79
CA LEU A 31 3.95 -1.62 -11.48
C LEU A 31 3.34 -0.69 -10.45
N LEU A 32 3.83 0.54 -10.39
CA LEU A 32 3.33 1.55 -9.48
C LEU A 32 2.75 2.69 -10.31
N LEU A 33 1.45 2.88 -10.20
CA LEU A 33 0.78 3.96 -10.92
C LEU A 33 0.52 5.02 -9.86
N ALA A 34 1.36 6.04 -9.86
CA ALA A 34 1.28 7.07 -8.83
C ALA A 34 1.94 8.37 -9.24
N GLY A 35 1.64 9.41 -8.48
CA GLY A 35 2.23 10.72 -8.71
C GLY A 35 1.64 11.55 -9.83
N SER A 36 1.30 12.79 -9.51
CA SER A 36 0.75 13.72 -10.48
C SER A 36 1.48 15.06 -10.26
N ASP A 37 1.30 15.99 -11.18
CA ASP A 37 1.97 17.28 -11.08
C ASP A 37 1.95 18.00 -9.72
N ASP A 38 0.80 18.08 -9.05
CA ASP A 38 0.76 18.76 -7.75
C ASP A 38 0.92 17.86 -6.53
N MSE A 39 0.95 16.55 -6.76
CA MSE A 39 1.16 15.58 -5.70
C MSE A 39 2.19 14.60 -6.25
O MSE A 39 1.95 13.39 -6.32
CB MSE A 39 -0.16 14.85 -5.37
CG MSE A 39 -1.23 15.77 -4.85
SE MSE A 39 -2.83 14.80 -4.35
CE MSE A 39 -3.58 14.54 -6.10
N PRO A 40 3.36 15.11 -6.64
CA PRO A 40 4.42 14.26 -7.17
C PRO A 40 5.14 13.39 -6.15
N GLY A 41 5.29 13.90 -4.94
CA GLY A 41 6.00 13.19 -3.89
C GLY A 41 5.56 11.78 -3.57
N ALA A 42 4.27 11.52 -3.67
CA ALA A 42 3.75 10.19 -3.38
C ALA A 42 4.41 9.11 -4.23
N ALA A 43 4.77 9.42 -5.47
CA ALA A 43 5.40 8.43 -6.34
C ALA A 43 6.80 8.08 -5.83
N LEU A 44 7.54 9.06 -5.33
CA LEU A 44 8.87 8.80 -4.81
C LEU A 44 8.75 7.97 -3.52
N LEU A 45 7.83 8.37 -2.65
CA LEU A 45 7.64 7.65 -1.39
C LEU A 45 7.24 6.20 -1.61
N ALA A 46 6.25 5.97 -2.47
CA ALA A 46 5.79 4.62 -2.76
C ALA A 46 6.86 3.86 -3.53
N GLY A 47 7.56 4.54 -4.43
CA GLY A 47 8.61 3.88 -5.20
C GLY A 47 9.72 3.35 -4.31
N LEU A 48 10.18 4.19 -3.38
CA LEU A 48 11.23 3.80 -2.45
C LEU A 48 10.76 2.64 -1.57
N GLY A 49 9.54 2.77 -1.05
CA GLY A 49 8.99 1.72 -0.22
C GLY A 49 8.95 0.39 -0.94
N ALA A 50 8.51 0.43 -2.19
CA ALA A 50 8.40 -0.78 -3.00
C ALA A 50 9.74 -1.43 -3.30
N MSE A 51 10.71 -0.64 -3.75
CA MSE A 51 12.02 -1.20 -4.07
C MSE A 51 12.80 -1.67 -2.85
O MSE A 51 13.66 -2.53 -2.96
CB MSE A 51 12.81 -0.21 -4.91
CG MSE A 51 12.14 0.00 -6.27
SE MSE A 51 13.38 0.46 -7.68
CE MSE A 51 14.02 -1.31 -8.06
N ARG A 52 12.48 -1.11 -1.69
CA ARG A 52 13.12 -1.49 -0.44
C ARG A 52 12.51 -2.81 0.05
N SER A 53 11.35 -3.15 -0.49
CA SER A 53 10.64 -4.34 -0.02
C SER A 53 10.70 -5.66 -0.75
N GLY A 54 11.87 -6.00 -1.30
CA GLY A 54 12.04 -7.30 -1.93
C GLY A 54 11.60 -7.63 -3.34
N LEU A 55 11.15 -6.65 -4.11
CA LEU A 55 10.74 -6.95 -5.49
C LEU A 55 11.99 -7.17 -6.35
N GLY A 56 11.76 -7.55 -7.61
CA GLY A 56 12.87 -7.76 -8.53
C GLY A 56 13.11 -6.50 -9.33
N LYS A 57 12.03 -5.95 -9.88
CA LYS A 57 12.08 -4.73 -10.68
C LYS A 57 10.86 -3.89 -10.40
N LEU A 58 10.97 -2.59 -10.64
CA LEU A 58 9.84 -1.69 -10.46
C LEU A 58 9.68 -0.75 -11.65
N VAL A 59 8.47 -0.74 -12.19
CA VAL A 59 8.13 0.15 -13.28
C VAL A 59 7.18 1.17 -12.68
N ILE A 60 7.51 2.45 -12.80
CA ILE A 60 6.66 3.50 -12.26
C ILE A 60 5.93 4.19 -13.40
N GLY A 61 4.61 4.10 -13.40
CA GLY A 61 3.80 4.73 -14.42
C GLY A 61 3.36 6.06 -13.85
N THR A 62 4.17 7.09 -14.02
CA THR A 62 3.83 8.40 -13.49
C THR A 62 3.86 9.45 -14.58
N SER A 63 3.38 10.64 -14.24
CA SER A 63 3.35 11.75 -15.19
C SER A 63 4.76 12.11 -15.64
N GLU A 64 4.86 12.53 -16.89
CA GLU A 64 6.14 12.92 -17.48
C GLU A 64 6.96 13.85 -16.59
N ASN A 65 6.31 14.85 -15.99
CA ASN A 65 7.00 15.82 -15.14
C ASN A 65 7.47 15.28 -13.80
N VAL A 66 6.95 14.13 -13.38
CA VAL A 66 7.32 13.56 -12.09
C VAL A 66 8.56 12.66 -12.20
N ILE A 67 8.73 12.03 -13.36
CA ILE A 67 9.87 11.15 -13.58
C ILE A 67 11.21 11.73 -13.14
N PRO A 68 11.56 12.94 -13.61
CA PRO A 68 12.84 13.54 -13.23
C PRO A 68 13.03 13.78 -11.73
N LEU A 69 11.92 13.83 -10.98
CA LEU A 69 11.99 14.05 -9.55
C LEU A 69 12.27 12.76 -8.79
N ILE A 70 12.06 11.63 -9.44
CA ILE A 70 12.30 10.33 -8.80
C ILE A 70 13.70 9.79 -9.05
N VAL A 71 14.14 9.88 -10.29
CA VAL A 71 15.43 9.34 -10.72
C VAL A 71 16.64 9.57 -9.80
N PRO A 72 16.91 10.82 -9.41
CA PRO A 72 18.07 11.07 -8.54
C PRO A 72 18.05 10.30 -7.22
N VAL A 73 16.86 10.03 -6.71
CA VAL A 73 16.72 9.33 -5.44
C VAL A 73 16.52 7.82 -5.59
N LEU A 74 15.89 7.42 -6.69
CA LEU A 74 15.63 6.00 -6.92
C LEU A 74 16.00 5.68 -8.37
N PRO A 75 17.31 5.69 -8.68
CA PRO A 75 17.76 5.40 -10.04
C PRO A 75 17.52 3.96 -10.49
N GLU A 76 17.10 3.11 -9.56
CA GLU A 76 16.86 1.71 -9.85
C GLU A 76 15.52 1.46 -10.54
N ALA A 77 14.61 2.42 -10.46
CA ALA A 77 13.31 2.29 -11.07
C ALA A 77 13.34 2.63 -12.55
N THR A 78 12.43 2.03 -13.33
CA THR A 78 12.32 2.37 -14.74
C THR A 78 10.92 2.94 -14.89
N TYR A 79 10.61 3.49 -16.06
CA TYR A 79 9.33 4.16 -16.21
C TYR A 79 8.43 3.81 -17.37
N TRP A 80 7.14 4.07 -17.16
CA TRP A 80 6.12 3.91 -18.18
C TRP A 80 5.59 5.34 -18.20
N ARG A 81 6.11 6.14 -19.13
CA ARG A 81 5.75 7.54 -19.25
C ARG A 81 4.24 7.76 -19.33
N ASP A 82 3.72 8.57 -18.41
CA ASP A 82 2.29 8.87 -18.31
C ASP A 82 1.48 7.59 -18.17
N GLY A 83 2.06 6.62 -17.48
CA GLY A 83 1.42 5.33 -17.29
C GLY A 83 0.02 5.31 -16.71
N TRP A 84 -0.22 6.02 -15.61
CA TRP A 84 -1.57 5.98 -15.03
C TRP A 84 -2.62 6.61 -15.92
N LYS A 85 -2.21 7.54 -16.79
CA LYS A 85 -3.17 8.16 -17.71
C LYS A 85 -3.44 7.19 -18.85
N LYS A 86 -2.39 6.54 -19.36
CA LYS A 86 -2.54 5.59 -20.45
C LYS A 86 -3.35 4.36 -20.01
N ALA A 87 -3.25 4.02 -18.73
CA ALA A 87 -3.97 2.87 -18.19
C ALA A 87 -5.48 3.06 -18.27
N ALA A 88 -5.91 4.31 -18.40
CA ALA A 88 -7.33 4.61 -18.48
C ALA A 88 -7.92 4.25 -19.86
N ASP A 89 -7.06 4.19 -20.87
CA ASP A 89 -7.52 3.89 -22.22
C ASP A 89 -7.47 2.43 -22.66
N ALA A 90 -6.58 1.64 -22.07
CA ALA A 90 -6.48 0.24 -22.46
C ALA A 90 -5.90 -0.66 -21.38
N GLN A 91 -6.17 -1.95 -21.50
CA GLN A 91 -5.67 -2.92 -20.55
C GLN A 91 -4.15 -2.97 -20.68
N LEU A 92 -3.49 -3.45 -19.64
CA LEU A 92 -2.04 -3.55 -19.64
C LEU A 92 -1.61 -4.68 -20.58
N GLU A 93 -0.57 -4.45 -21.37
CA GLU A 93 -0.08 -5.46 -22.29
C GLU A 93 1.19 -6.10 -21.73
N GLU A 94 1.55 -5.69 -20.51
CA GLU A 94 2.73 -6.20 -19.84
C GLU A 94 2.27 -7.04 -18.65
N THR A 95 3.08 -8.00 -18.23
CA THR A 95 2.74 -8.85 -17.09
C THR A 95 3.46 -8.38 -15.82
N TYR A 96 2.70 -8.19 -14.75
CA TYR A 96 3.28 -7.75 -13.48
C TYR A 96 2.94 -8.71 -12.36
N ARG A 97 3.83 -8.79 -11.36
CA ARG A 97 3.61 -9.67 -10.22
C ARG A 97 2.61 -9.02 -9.27
N ALA A 98 2.58 -7.69 -9.25
CA ALA A 98 1.66 -6.95 -8.41
C ALA A 98 1.57 -5.51 -8.92
N ILE A 99 0.44 -4.87 -8.64
CA ILE A 99 0.23 -3.49 -9.09
C ILE A 99 -0.37 -2.63 -8.00
N ALA A 100 0.07 -1.39 -7.91
CA ALA A 100 -0.48 -0.45 -6.94
C ALA A 100 -0.85 0.79 -7.73
N ILE A 101 -2.02 1.36 -7.42
CA ILE A 101 -2.45 2.58 -8.09
C ILE A 101 -3.13 3.50 -7.08
N GLY A 102 -2.90 4.80 -7.21
CA GLY A 102 -3.56 5.74 -6.31
C GLY A 102 -2.71 6.80 -5.61
N PRO A 103 -1.55 6.45 -5.05
CA PRO A 103 -0.75 7.47 -4.37
C PRO A 103 -0.50 8.69 -5.26
N GLY A 104 -0.84 9.87 -4.74
CA GLY A 104 -0.65 11.10 -5.49
C GLY A 104 -1.54 11.27 -6.70
N LEU A 105 -2.55 10.43 -6.87
CA LEU A 105 -3.43 10.57 -8.02
C LEU A 105 -4.72 11.28 -7.61
N PRO A 106 -5.29 12.06 -8.54
CA PRO A 106 -6.52 12.79 -8.25
C PRO A 106 -7.72 11.84 -8.16
N GLN A 107 -8.75 12.25 -7.44
CA GLN A 107 -9.95 11.45 -7.27
C GLN A 107 -10.86 11.72 -8.46
N THR A 108 -10.50 11.19 -9.61
CA THR A 108 -11.28 11.41 -10.83
C THR A 108 -11.77 10.13 -11.50
N GLU A 109 -12.71 10.31 -12.43
CA GLU A 109 -13.26 9.20 -13.18
C GLU A 109 -12.19 8.52 -14.04
N SER A 110 -11.24 9.32 -14.54
CA SER A 110 -10.17 8.76 -15.37
C SER A 110 -9.32 7.79 -14.57
N VAL A 111 -9.09 8.10 -13.30
CA VAL A 111 -8.31 7.22 -12.44
C VAL A 111 -9.12 5.93 -12.24
N GLN A 112 -10.43 6.06 -12.08
CA GLN A 112 -11.26 4.88 -11.91
C GLN A 112 -11.26 4.02 -13.17
N GLN A 113 -11.11 4.65 -14.32
CA GLN A 113 -11.04 3.93 -15.59
C GLN A 113 -9.75 3.11 -15.61
N ALA A 114 -8.67 3.71 -15.12
CA ALA A 114 -7.37 3.04 -15.07
C ALA A 114 -7.49 1.84 -14.12
N VAL A 115 -8.18 2.05 -13.00
CA VAL A 115 -8.37 0.99 -12.02
C VAL A 115 -9.11 -0.18 -12.68
N ASP A 116 -10.18 0.11 -13.43
CA ASP A 116 -10.93 -0.95 -14.09
C ASP A 116 -10.04 -1.75 -15.03
N HIS A 117 -9.20 -1.07 -15.79
CA HIS A 117 -8.30 -1.74 -16.72
C HIS A 117 -7.23 -2.57 -16.00
N VAL A 118 -6.75 -2.05 -14.87
CA VAL A 118 -5.72 -2.75 -14.10
C VAL A 118 -6.29 -4.03 -13.49
N LEU A 119 -7.54 -3.97 -13.07
CA LEU A 119 -8.19 -5.12 -12.45
C LEU A 119 -8.38 -6.31 -13.39
N THR A 120 -8.17 -6.12 -14.70
CA THR A 120 -8.33 -7.22 -15.62
C THR A 120 -7.08 -8.08 -15.66
N ALA A 121 -5.99 -7.58 -15.08
CA ALA A 121 -4.73 -8.32 -15.04
C ALA A 121 -4.84 -9.44 -14.00
N ASP A 122 -3.96 -10.42 -14.09
CA ASP A 122 -3.97 -11.53 -13.15
C ASP A 122 -2.87 -11.34 -12.12
N CYS A 123 -3.14 -10.52 -11.12
CA CYS A 123 -2.17 -10.27 -10.06
C CYS A 123 -2.83 -9.45 -8.96
N PRO A 124 -2.21 -9.40 -7.78
CA PRO A 124 -2.76 -8.63 -6.66
C PRO A 124 -2.71 -7.15 -7.04
N VAL A 125 -3.72 -6.39 -6.64
CA VAL A 125 -3.78 -4.97 -6.94
C VAL A 125 -4.06 -4.19 -5.67
N ILE A 126 -3.28 -3.14 -5.44
CA ILE A 126 -3.45 -2.28 -4.27
C ILE A 126 -4.05 -0.96 -4.72
N LEU A 127 -5.11 -0.52 -4.04
CA LEU A 127 -5.76 0.76 -4.35
C LEU A 127 -5.57 1.64 -3.12
N ASP A 128 -5.13 2.87 -3.34
CA ASP A 128 -4.88 3.79 -2.24
C ASP A 128 -5.17 5.21 -2.68
N ALA A 129 -5.28 6.11 -1.70
CA ALA A 129 -5.50 7.51 -1.98
C ALA A 129 -6.55 7.82 -3.06
N GLY A 130 -6.11 8.48 -4.13
CA GLY A 130 -7.00 8.86 -5.22
C GLY A 130 -7.76 7.75 -5.92
N ALA A 131 -7.27 6.52 -5.83
CA ALA A 131 -7.92 5.38 -6.49
C ALA A 131 -9.05 4.80 -5.63
N LEU A 132 -9.15 5.28 -4.39
CA LEU A 132 -10.21 4.80 -3.50
C LEU A 132 -11.49 5.58 -3.72
N ALA A 133 -12.57 4.85 -4.01
CA ALA A 133 -13.86 5.47 -4.26
C ALA A 133 -14.99 4.51 -3.90
N LYS A 134 -16.20 5.04 -3.83
CA LYS A 134 -17.37 4.22 -3.54
C LYS A 134 -17.64 3.44 -4.82
N ARG A 135 -17.42 2.14 -4.76
CA ARG A 135 -17.64 1.30 -5.94
C ARG A 135 -17.66 -0.17 -5.57
N THR A 136 -17.81 -1.02 -6.58
CA THR A 136 -17.82 -2.46 -6.38
C THR A 136 -16.67 -3.01 -7.19
N TYR A 137 -16.29 -4.26 -6.92
CA TYR A 137 -15.18 -4.87 -7.63
C TYR A 137 -15.57 -6.16 -8.33
N PRO A 138 -14.97 -6.41 -9.51
CA PRO A 138 -15.25 -7.61 -10.30
C PRO A 138 -14.56 -8.85 -9.76
N LYS A 139 -15.21 -10.00 -9.93
CA LYS A 139 -14.65 -11.26 -9.49
C LYS A 139 -13.36 -11.50 -10.26
N ARG A 140 -12.28 -11.77 -9.54
CA ARG A 140 -10.99 -12.03 -10.15
C ARG A 140 -10.21 -12.90 -9.18
N GLU A 141 -9.20 -13.59 -9.67
CA GLU A 141 -8.42 -14.47 -8.81
C GLU A 141 -7.46 -13.71 -7.90
N GLY A 142 -6.91 -12.61 -8.39
CA GLY A 142 -5.98 -11.83 -7.59
C GLY A 142 -6.68 -10.99 -6.53
N PRO A 143 -6.07 -10.83 -5.35
CA PRO A 143 -6.68 -10.04 -4.29
C PRO A 143 -6.66 -8.55 -4.62
N VAL A 144 -7.67 -7.84 -4.13
CA VAL A 144 -7.74 -6.39 -4.29
C VAL A 144 -7.55 -5.88 -2.87
N ILE A 145 -6.52 -5.06 -2.68
CA ILE A 145 -6.19 -4.53 -1.36
C ILE A 145 -6.43 -3.03 -1.28
N LEU A 146 -7.37 -2.62 -0.43
CA LEU A 146 -7.69 -1.20 -0.26
C LEU A 146 -7.01 -0.72 1.03
N THR A 147 -6.38 0.45 0.99
CA THR A 147 -5.67 0.99 2.16
C THR A 147 -6.17 2.38 2.56
N PRO A 148 -7.44 2.48 2.96
CA PRO A 148 -8.01 3.76 3.35
C PRO A 148 -7.71 4.28 4.76
N HIS A 149 -7.67 5.61 4.87
CA HIS A 149 -7.54 6.29 6.15
C HIS A 149 -9.02 6.36 6.52
N PRO A 150 -9.36 6.70 7.77
CA PRO A 150 -10.79 6.76 8.13
C PRO A 150 -11.62 7.63 7.19
N GLY A 151 -11.08 8.77 6.79
CA GLY A 151 -11.79 9.66 5.88
C GLY A 151 -12.09 9.02 4.55
N GLU A 152 -11.15 8.23 4.04
CA GLU A 152 -11.32 7.56 2.76
C GLU A 152 -12.29 6.40 2.90
N PHE A 153 -12.34 5.80 4.10
CA PHE A 153 -13.25 4.69 4.33
C PHE A 153 -14.68 5.25 4.26
N PHE A 154 -14.85 6.46 4.78
CA PHE A 154 -16.16 7.12 4.75
C PHE A 154 -16.55 7.35 3.30
N ARG A 155 -15.57 7.77 2.50
CA ARG A 155 -15.81 8.03 1.08
C ARG A 155 -16.23 6.76 0.36
N MSE A 156 -15.66 5.64 0.80
CA MSE A 156 -15.95 4.33 0.20
C MSE A 156 -17.28 3.73 0.63
O MSE A 156 -18.00 3.16 -0.18
CB MSE A 156 -14.87 3.32 0.59
CG MSE A 156 -13.48 3.55 0.04
SE MSE A 156 -12.25 2.41 0.98
CE MSE A 156 -13.30 0.79 1.06
N THR A 157 -17.58 3.86 1.93
CA THR A 157 -18.77 3.24 2.50
C THR A 157 -19.93 4.13 2.95
N GLY A 158 -19.69 5.41 3.15
CA GLY A 158 -20.76 6.28 3.61
C GLY A 158 -20.83 6.29 5.13
N VAL A 159 -20.03 5.43 5.76
CA VAL A 159 -20.00 5.35 7.22
C VAL A 159 -19.21 6.55 7.76
N PRO A 160 -19.85 7.41 8.56
CA PRO A 160 -19.21 8.60 9.14
C PRO A 160 -17.96 8.26 9.94
N VAL A 161 -16.96 9.13 9.86
CA VAL A 161 -15.70 8.92 10.58
C VAL A 161 -15.94 8.76 12.09
N ASN A 162 -16.77 9.62 12.66
CA ASN A 162 -17.05 9.55 14.09
C ASN A 162 -17.66 8.22 14.50
N GLU A 163 -18.44 7.62 13.60
CA GLU A 163 -19.07 6.33 13.87
C GLU A 163 -18.06 5.21 13.65
N LEU A 164 -17.34 5.31 12.54
CA LEU A 164 -16.33 4.31 12.19
C LEU A 164 -15.30 4.10 13.31
N GLN A 165 -14.76 5.20 13.81
CA GLN A 165 -13.74 5.13 14.85
C GLN A 165 -14.19 4.45 16.15
N LYS A 166 -15.50 4.27 16.32
CA LYS A 166 -16.03 3.62 17.52
C LYS A 166 -16.03 2.10 17.37
N LYS A 167 -16.06 1.62 16.13
CA LYS A 167 -16.08 0.18 15.86
C LYS A 167 -15.28 -0.13 14.59
N ARG A 168 -14.03 0.31 14.57
CA ARG A 168 -13.15 0.10 13.43
C ARG A 168 -13.11 -1.33 12.90
N ALA A 169 -12.79 -2.29 13.76
CA ALA A 169 -12.71 -3.67 13.35
C ALA A 169 -14.00 -4.22 12.76
N GLU A 170 -15.13 -3.93 13.41
CA GLU A 170 -16.41 -4.41 12.92
C GLU A 170 -16.74 -3.90 11.52
N TYR A 171 -16.56 -2.60 11.31
CA TYR A 171 -16.83 -1.99 10.02
C TYR A 171 -15.88 -2.47 8.94
N ALA A 172 -14.60 -2.60 9.28
CA ALA A 172 -13.60 -3.06 8.33
C ALA A 172 -13.92 -4.49 7.89
N LYS A 173 -14.21 -5.35 8.85
CA LYS A 173 -14.53 -6.74 8.56
C LYS A 173 -15.81 -6.80 7.74
N GLU A 174 -16.77 -5.97 8.13
CA GLU A 174 -18.06 -5.89 7.45
C GLU A 174 -17.93 -5.57 5.96
N TRP A 175 -17.19 -4.50 5.67
CA TRP A 175 -17.03 -4.08 4.28
C TRP A 175 -16.07 -4.91 3.46
N ALA A 176 -15.08 -5.52 4.11
CA ALA A 176 -14.14 -6.36 3.39
C ALA A 176 -14.96 -7.53 2.84
N ALA A 177 -15.92 -8.01 3.63
CA ALA A 177 -16.78 -9.11 3.22
C ALA A 177 -17.75 -8.69 2.12
N GLN A 178 -18.39 -7.54 2.31
CA GLN A 178 -19.35 -7.00 1.35
C GLN A 178 -18.72 -6.70 -0.01
N LEU A 179 -17.53 -6.11 0.00
CA LEU A 179 -16.84 -5.77 -1.24
C LEU A 179 -15.98 -6.92 -1.75
N GLN A 180 -15.66 -7.85 -0.86
CA GLN A 180 -14.81 -8.99 -1.18
C GLN A 180 -13.43 -8.48 -1.58
N THR A 181 -12.92 -7.57 -0.76
CA THR A 181 -11.60 -6.98 -0.96
C THR A 181 -10.91 -7.00 0.37
N VAL A 182 -9.58 -6.93 0.35
CA VAL A 182 -8.82 -6.87 1.58
C VAL A 182 -8.93 -5.40 1.98
N ILE A 183 -9.07 -5.13 3.27
CA ILE A 183 -9.14 -3.73 3.70
C ILE A 183 -8.14 -3.47 4.82
N VAL A 184 -7.20 -2.57 4.55
CA VAL A 184 -6.21 -2.17 5.53
C VAL A 184 -6.71 -0.81 6.01
N LEU A 185 -7.41 -0.80 7.14
CA LEU A 185 -7.97 0.43 7.70
C LEU A 185 -6.94 1.03 8.63
N LYS A 186 -6.27 2.07 8.15
CA LYS A 186 -5.22 2.71 8.92
C LYS A 186 -5.69 3.50 10.15
N GLY A 187 -4.79 3.59 11.13
CA GLY A 187 -5.07 4.29 12.38
C GLY A 187 -4.11 3.84 13.45
N ASN A 188 -4.36 4.27 14.70
CA ASN A 188 -3.51 3.91 15.83
C ASN A 188 -3.17 2.43 15.75
N GLN A 189 -4.21 1.61 15.68
CA GLN A 189 -4.06 0.16 15.54
C GLN A 189 -4.74 -0.23 14.24
N THR A 190 -3.95 -0.24 13.18
CA THR A 190 -4.45 -0.57 11.85
C THR A 190 -5.12 -1.94 11.83
N VAL A 191 -6.29 -2.00 11.21
CA VAL A 191 -7.05 -3.24 11.10
C VAL A 191 -6.85 -3.82 9.71
N ILE A 192 -6.52 -5.10 9.64
CA ILE A 192 -6.36 -5.77 8.35
C ILE A 192 -7.48 -6.81 8.24
N ALA A 193 -8.48 -6.49 7.43
CA ALA A 193 -9.63 -7.37 7.24
C ALA A 193 -9.60 -8.04 5.87
N PHE A 194 -9.75 -9.36 5.86
CA PHE A 194 -9.74 -10.13 4.62
C PHE A 194 -11.14 -10.58 4.20
N PRO A 195 -11.37 -10.74 2.89
CA PRO A 195 -12.66 -11.16 2.32
C PRO A 195 -13.18 -12.48 2.85
N ASP A 196 -12.28 -13.37 3.24
CA ASP A 196 -12.68 -14.68 3.75
C ASP A 196 -13.05 -14.67 5.23
N GLY A 197 -13.09 -13.49 5.83
CA GLY A 197 -13.45 -13.39 7.23
C GLY A 197 -12.28 -13.22 8.18
N ASP A 198 -11.07 -13.55 7.73
CA ASP A 198 -9.89 -13.39 8.57
C ASP A 198 -9.69 -11.91 8.87
N CYS A 199 -9.20 -11.60 10.06
CA CYS A 199 -8.94 -10.20 10.41
C CYS A 199 -7.88 -10.13 11.50
N TRP A 200 -7.05 -9.11 11.43
CA TRP A 200 -5.97 -8.92 12.40
C TRP A 200 -5.81 -7.46 12.74
N LEU A 201 -5.15 -7.20 13.86
CA LEU A 201 -4.86 -5.85 14.29
C LEU A 201 -3.35 -5.72 14.25
N ASN A 202 -2.84 -4.58 13.80
CA ASN A 202 -1.40 -4.40 13.76
C ASN A 202 -0.96 -3.83 15.11
N PRO A 203 0.04 -4.46 15.75
CA PRO A 203 0.53 -4.02 17.05
C PRO A 203 1.66 -2.99 17.06
N THR A 204 2.26 -2.72 15.90
CA THR A 204 3.37 -1.77 15.82
C THR A 204 2.95 -0.37 15.41
N GLY A 205 3.88 0.56 15.49
CA GLY A 205 3.58 1.93 15.10
C GLY A 205 3.27 2.87 16.24
N ASN A 206 3.34 4.16 15.96
CA ASN A 206 3.07 5.20 16.95
C ASN A 206 2.70 6.49 16.24
N GLY A 207 2.50 7.55 17.00
CA GLY A 207 2.13 8.83 16.44
C GLY A 207 3.08 9.45 15.42
N ALA A 208 4.30 8.92 15.30
CA ALA A 208 5.24 9.47 14.33
C ALA A 208 4.69 9.26 12.91
N LEU A 209 3.80 8.27 12.78
CA LEU A 209 3.19 7.95 11.50
C LEU A 209 2.06 8.89 11.10
N ALA A 210 1.58 9.69 12.05
CA ALA A 210 0.50 10.63 11.79
C ALA A 210 1.01 11.89 11.09
N LYS A 211 1.54 11.71 9.89
CA LYS A 211 2.06 12.83 9.12
C LYS A 211 1.98 12.46 7.64
N GLY A 212 1.78 13.47 6.80
CA GLY A 212 1.68 13.23 5.38
C GLY A 212 2.81 12.40 4.79
N GLY A 213 2.45 11.47 3.92
CA GLY A 213 3.43 10.64 3.25
C GLY A 213 3.64 9.23 3.77
N THR A 214 3.37 8.98 5.05
CA THR A 214 3.60 7.65 5.58
C THR A 214 2.73 6.59 4.92
N GLY A 215 1.55 7.00 4.44
CA GLY A 215 0.65 6.07 3.77
C GLY A 215 1.20 5.69 2.40
N ASP A 216 1.89 6.64 1.76
CA ASP A 216 2.47 6.39 0.45
C ASP A 216 3.58 5.36 0.59
N THR A 217 4.41 5.50 1.62
CA THR A 217 5.49 4.54 1.82
C THR A 217 4.89 3.15 2.12
N LEU A 218 3.81 3.12 2.88
CA LEU A 218 3.17 1.83 3.20
C LEU A 218 2.68 1.16 1.92
N THR A 219 2.01 1.92 1.06
CA THR A 219 1.50 1.35 -0.18
C THR A 219 2.66 0.74 -0.97
N GLY A 220 3.79 1.43 -1.01
CA GLY A 220 4.95 0.88 -1.71
C GLY A 220 5.46 -0.39 -1.05
N MSE A 221 5.51 -0.38 0.28
CA MSE A 221 5.98 -1.55 0.99
C MSE A 221 5.08 -2.77 0.75
O MSE A 221 5.59 -3.89 0.58
CB MSE A 221 6.07 -1.24 2.49
CG MSE A 221 7.22 -0.28 2.79
SE MSE A 221 7.39 0.10 4.67
CE MSE A 221 9.10 1.00 4.70
N ILE A 222 3.77 -2.58 0.70
CA ILE A 222 2.88 -3.71 0.43
C ILE A 222 3.15 -4.20 -0.98
N LEU A 223 3.30 -3.28 -1.93
CA LEU A 223 3.56 -3.64 -3.32
C LEU A 223 4.80 -4.51 -3.43
N GLY A 224 5.89 -4.07 -2.80
CA GLY A 224 7.13 -4.82 -2.84
C GLY A 224 7.01 -6.19 -2.21
N MSE A 225 6.44 -6.25 -1.01
CA MSE A 225 6.34 -7.55 -0.36
C MSE A 225 5.42 -8.54 -1.07
O MSE A 225 5.58 -9.74 -0.92
CB MSE A 225 5.97 -7.37 1.11
CG MSE A 225 7.22 -7.07 1.97
SE MSE A 225 6.77 -6.66 3.74
CE MSE A 225 8.01 -5.20 4.03
N LEU A 226 4.47 -8.04 -1.85
CA LEU A 226 3.58 -8.93 -2.61
C LEU A 226 4.41 -9.65 -3.67
N CYS A 227 5.59 -9.11 -3.96
CA CYS A 227 6.48 -9.70 -4.95
C CYS A 227 7.43 -10.73 -4.38
N CYS A 228 7.67 -10.70 -3.07
CA CYS A 228 8.57 -11.68 -2.48
C CYS A 228 7.91 -12.69 -1.55
N HIS A 229 6.61 -12.50 -1.28
CA HIS A 229 5.87 -13.43 -0.43
C HIS A 229 4.99 -14.29 -1.33
N GLU A 230 4.97 -15.59 -1.09
CA GLU A 230 4.15 -16.47 -1.90
C GLU A 230 2.68 -16.24 -1.54
N ASP A 231 2.43 -15.94 -0.26
CA ASP A 231 1.08 -15.69 0.23
C ASP A 231 0.82 -14.19 0.35
N PRO A 232 -0.09 -13.65 -0.49
CA PRO A 232 -0.43 -12.23 -0.49
C PRO A 232 -0.91 -11.72 0.87
N LYS A 233 -1.62 -12.57 1.61
CA LYS A 233 -2.11 -12.18 2.91
C LYS A 233 -0.95 -11.88 3.85
N HIS A 234 0.08 -12.71 3.81
CA HIS A 234 1.25 -12.50 4.66
C HIS A 234 2.01 -11.25 4.21
N ALA A 235 2.02 -10.99 2.91
CA ALA A 235 2.71 -9.81 2.40
C ALA A 235 2.09 -8.55 3.00
N VAL A 236 0.75 -8.48 2.97
CA VAL A 236 0.04 -7.33 3.51
C VAL A 236 0.27 -7.16 5.00
N LEU A 237 0.10 -8.25 5.75
CA LEU A 237 0.29 -8.21 7.20
C LEU A 237 1.72 -7.85 7.60
N ASN A 238 2.70 -8.42 6.92
CA ASN A 238 4.09 -8.13 7.24
C ASN A 238 4.47 -6.70 6.84
N ALA A 239 3.88 -6.19 5.76
CA ALA A 239 4.18 -4.83 5.33
C ALA A 239 3.66 -3.85 6.38
N VAL A 240 2.41 -4.03 6.78
CA VAL A 240 1.83 -3.14 7.78
C VAL A 240 2.63 -3.24 9.09
N TYR A 241 3.02 -4.45 9.47
CA TYR A 241 3.78 -4.64 10.70
C TYR A 241 5.16 -3.97 10.66
N LEU A 242 5.94 -4.24 9.63
CA LEU A 242 7.27 -3.68 9.52
C LEU A 242 7.24 -2.15 9.37
N HIS A 243 6.23 -1.65 8.69
CA HIS A 243 6.07 -0.21 8.49
C HIS A 243 5.97 0.44 9.88
N GLY A 244 5.13 -0.15 10.74
CA GLY A 244 4.98 0.37 12.08
C GLY A 244 6.24 0.18 12.91
N ALA A 245 6.91 -0.95 12.72
CA ALA A 245 8.14 -1.26 13.45
C ALA A 245 9.24 -0.25 13.13
N CYS A 246 9.26 0.28 11.91
CA CYS A 246 10.26 1.26 11.53
C CYS A 246 10.04 2.55 12.31
N ALA A 247 8.78 2.91 12.51
CA ALA A 247 8.42 4.11 13.25
C ALA A 247 8.83 3.95 14.71
N GLU A 248 8.68 2.74 15.23
CA GLU A 248 9.06 2.46 16.62
C GLU A 248 10.57 2.56 16.79
N LEU A 249 11.32 2.05 15.82
CA LEU A 249 12.77 2.12 15.90
C LEU A 249 13.19 3.59 15.89
N TRP A 250 12.53 4.39 15.06
CA TRP A 250 12.83 5.82 14.98
C TRP A 250 12.72 6.55 16.31
N THR A 251 11.64 6.30 17.04
CA THR A 251 11.42 6.98 18.31
C THR A 251 12.37 6.60 19.44
N ASP A 252 13.22 5.60 19.22
CA ASP A 252 14.17 5.21 20.26
C ASP A 252 15.13 6.35 20.54
N GLU A 253 15.59 7.01 19.47
CA GLU A 253 16.55 8.10 19.61
C GLU A 253 16.11 9.43 18.98
N HIS A 254 14.92 9.44 18.37
CA HIS A 254 14.41 10.65 17.75
C HIS A 254 13.00 10.93 18.20
N SER A 255 12.63 12.21 18.25
CA SER A 255 11.28 12.59 18.65
C SER A 255 10.26 12.13 17.62
N ALA A 256 9.15 11.56 18.09
CA ALA A 256 8.10 11.08 17.19
C ALA A 256 7.53 12.21 16.33
N HIS A 257 7.71 13.45 16.78
CA HIS A 257 7.22 14.61 16.06
C HIS A 257 8.03 14.93 14.80
N THR A 258 9.24 14.40 14.72
CA THR A 258 10.15 14.74 13.64
C THR A 258 10.36 13.79 12.46
N LEU A 259 9.70 12.64 12.47
CA LEU A 259 9.86 11.67 11.39
C LEU A 259 9.35 12.15 10.05
N LEU A 260 10.10 11.83 8.99
CA LEU A 260 9.69 12.15 7.63
C LEU A 260 9.45 10.78 7.01
N ALA A 261 8.34 10.64 6.29
CA ALA A 261 7.98 9.37 5.68
C ALA A 261 9.09 8.60 4.95
N HIS A 262 9.87 9.30 4.13
CA HIS A 262 10.91 8.61 3.39
C HIS A 262 11.94 7.93 4.28
N GLU A 263 12.04 8.37 5.53
CA GLU A 263 12.99 7.77 6.45
C GLU A 263 12.58 6.37 6.90
N LEU A 264 11.29 6.05 6.81
CA LEU A 264 10.83 4.72 7.17
C LEU A 264 11.50 3.72 6.24
N SER A 265 11.65 4.11 4.97
CA SER A 265 12.29 3.26 3.96
C SER A 265 13.79 3.11 4.24
N ASP A 266 14.41 4.14 4.82
CA ASP A 266 15.83 4.11 5.16
C ASP A 266 16.07 3.18 6.34
N ILE A 267 15.06 3.06 7.19
CA ILE A 267 15.12 2.24 8.41
C ILE A 267 14.79 0.77 8.19
N LEU A 268 13.91 0.50 7.24
CA LEU A 268 13.48 -0.86 6.95
C LEU A 268 14.59 -1.89 6.81
N PRO A 269 15.69 -1.56 6.13
CA PRO A 269 16.79 -2.53 5.97
C PRO A 269 17.24 -3.17 7.28
N ARG A 270 17.46 -2.35 8.31
CA ARG A 270 17.88 -2.85 9.60
C ARG A 270 16.75 -3.51 10.39
N VAL A 271 15.55 -2.96 10.29
CA VAL A 271 14.41 -3.53 11.01
C VAL A 271 14.08 -4.93 10.48
N TRP A 272 14.04 -5.07 9.16
CA TRP A 272 13.74 -6.35 8.53
C TRP A 272 14.77 -7.40 8.99
N LYS A 273 16.04 -6.99 9.02
CA LYS A 273 17.12 -7.89 9.43
C LYS A 273 16.86 -8.52 10.79
N ARG A 274 16.30 -7.75 11.69
CA ARG A 274 16.01 -8.22 13.04
C ARG A 274 14.99 -9.36 13.07
N PHE A 275 14.10 -9.38 12.09
CA PHE A 275 13.05 -10.40 12.01
C PHE A 275 13.43 -11.62 11.18
N GLU A 276 14.67 -11.67 10.73
CA GLU A 276 15.14 -12.80 9.93
C GLU A 276 15.88 -13.79 10.81
#